data_6TIJ
#
_entry.id   6TIJ
#
_cell.length_a   95.781
_cell.length_b   63.725
_cell.length_c   87.707
_cell.angle_alpha   90.000
_cell.angle_beta   90.000
_cell.angle_gamma   90.000
#
_symmetry.space_group_name_H-M   'P 21 21 2'
#
loop_
_entity.id
_entity.type
_entity.pdbx_description
1 polymer 'Ferulic acid decarboxylase 1'
2 non-polymer 'MANGANESE (II) ION'
3 non-polymer 'POTASSIUM ION'
4 non-polymer 'hydroxylated prenyl-FMN'
5 non-polymer '1H-indole-2-carboxylic acid'
6 water water
#
_entity_poly.entity_id   1
_entity_poly.type   'polypeptide(L)'
_entity_poly.pdbx_seq_one_letter_code
;MSAQPAHLCFRSFVEALKVDNDLVEINTPIDPNLEAAAITRRVCETNDKAPLFNNLIGMKNGLFRILGAPGSLRKSSADR
YGRLARHLALPPTASMREILDKMLSASDMPPIPPTIVPTGPCKENSLDDSEFDLTELPVPLIHKSDGGKYIQTYGMHIVQ
SPDGTWTNWSIARAMVHDKNHLTGLVIPPQHIWQIHQMWKKEGRSDVPWALAFGVPPAAIMASSMPIPDGVTEAGYVGAM
TGSSLELVKCDTNDLYVPATSEIVLEGTLSISETGPEGPFGEMHGYIFPGDTHLGAKYKVNRITYRNNAIMPMSSCGRLT
DETHTMIGSLAAAEIRKLCQQNDLPITDAFAPFESQVTWVALRVDTEKLRAMKTTSEGFRKRVGDVVFNHKAGYTIHRLV
LVGDDIDVYEGKDVLWAFSTRCRPGMDETLFEDVRGFPLIPYMGHGNGPAHRGGKVVSDALMPTEYTTGRNWEAADFNQS
YPEDLKQKVLDNWTKMGFSNLEHHHHHH
;
_entity_poly.pdbx_strand_id   AAA
#
loop_
_chem_comp.id
_chem_comp.type
_chem_comp.name
_chem_comp.formula
BYN non-polymer 'hydroxylated prenyl-FMN' 'C22 H31 N4 O10 P'
ICB non-polymer '1H-indole-2-carboxylic acid' 'C9 H7 N O2'
K non-polymer 'POTASSIUM ION' 'K 1'
MN non-polymer 'MANGANESE (II) ION' 'Mn 2'
#
# COMPACT_ATOMS: atom_id res chain seq x y z
N GLN A 4 -24.95 -2.58 -2.39
CA GLN A 4 -23.95 -1.59 -1.88
C GLN A 4 -22.87 -1.39 -2.94
N PRO A 5 -22.37 -0.15 -3.10
CA PRO A 5 -21.36 0.11 -4.08
C PRO A 5 -20.04 -0.64 -3.85
N ALA A 6 -19.35 -0.96 -4.93
CA ALA A 6 -18.06 -1.72 -4.85
C ALA A 6 -17.01 -1.06 -3.94
N HIS A 7 -16.93 0.25 -3.94
CA HIS A 7 -15.90 0.94 -3.14
C HIS A 7 -16.26 0.95 -1.66
N LEU A 8 -17.53 0.64 -1.33
CA LEU A 8 -18.02 0.62 0.04
C LEU A 8 -18.33 -0.77 0.59
N CYS A 9 -18.10 -1.81 -0.16
CA CYS A 9 -18.48 -3.16 0.26
C CYS A 9 -17.59 -4.15 -0.47
N PHE A 10 -16.78 -4.91 0.25
CA PHE A 10 -15.87 -5.85 -0.35
C PHE A 10 -16.62 -6.90 -1.20
N ARG A 11 -17.74 -7.39 -0.71
CA ARG A 11 -18.48 -8.40 -1.49
C ARG A 11 -18.86 -7.85 -2.85
N SER A 12 -19.32 -6.59 -2.91
CA SER A 12 -19.65 -5.89 -4.19
C SER A 12 -18.38 -5.67 -5.05
N PHE A 13 -17.25 -5.39 -4.42
CA PHE A 13 -15.97 -5.26 -5.14
C PHE A 13 -15.62 -6.58 -5.85
N VAL A 14 -15.80 -7.71 -5.19
CA VAL A 14 -15.51 -9.01 -5.83
C VAL A 14 -16.41 -9.14 -7.06
N GLU A 15 -17.69 -8.83 -6.92
N GLU A 15 -17.68 -8.81 -6.87
CA GLU A 15 -18.59 -8.87 -8.09
CA GLU A 15 -18.65 -8.85 -8.00
C GLU A 15 -18.09 -7.93 -9.19
C GLU A 15 -18.24 -7.89 -9.14
N ALA A 16 -17.64 -6.73 -8.82
CA ALA A 16 -17.16 -5.81 -9.83
C ALA A 16 -15.99 -6.42 -10.60
N LEU A 17 -15.08 -7.06 -9.94
CA LEU A 17 -13.97 -7.68 -10.64
C LEU A 17 -14.49 -8.76 -11.59
N LYS A 18 -15.46 -9.56 -11.16
N LYS A 18 -15.54 -9.47 -11.18
CA LYS A 18 -16.04 -10.61 -12.04
CA LYS A 18 -16.15 -10.51 -12.04
C LYS A 18 -16.64 -9.91 -13.28
C LYS A 18 -16.70 -9.84 -13.29
N VAL A 19 -17.43 -8.87 -13.07
N VAL A 19 -17.50 -8.79 -13.16
CA VAL A 19 -18.09 -8.14 -14.18
CA VAL A 19 -18.11 -8.27 -14.41
C VAL A 19 -17.06 -7.53 -15.15
C VAL A 19 -17.09 -7.44 -15.19
N ASP A 20 -15.95 -7.06 -14.61
CA ASP A 20 -14.80 -6.50 -15.41
C ASP A 20 -14.02 -7.57 -16.21
N ASN A 21 -14.41 -8.83 -16.06
CA ASN A 21 -13.59 -9.93 -16.64
C ASN A 21 -12.15 -9.83 -16.10
N ASP A 22 -12.11 -9.58 -14.79
CA ASP A 22 -10.83 -9.39 -14.05
C ASP A 22 -10.68 -10.37 -12.89
N LEU A 23 -11.47 -11.45 -12.93
N LEU A 23 -11.30 -11.52 -13.03
CA LEU A 23 -11.55 -12.46 -11.86
CA LEU A 23 -11.35 -12.43 -11.89
C LEU A 23 -11.46 -13.84 -12.51
C LEU A 23 -11.58 -13.86 -12.38
N VAL A 24 -10.77 -14.76 -11.85
CA VAL A 24 -10.87 -16.20 -12.15
C VAL A 24 -11.38 -16.87 -10.92
N GLU A 25 -12.54 -17.51 -11.02
CA GLU A 25 -13.12 -18.25 -9.90
C GLU A 25 -12.63 -19.68 -10.01
N ILE A 26 -11.86 -20.08 -9.03
N ILE A 26 -11.97 -20.14 -8.97
CA ILE A 26 -11.40 -21.48 -8.94
CA ILE A 26 -11.39 -21.50 -8.95
C ILE A 26 -12.32 -22.20 -7.96
C ILE A 26 -12.19 -22.31 -7.96
N ASN A 27 -13.04 -23.17 -8.47
CA ASN A 27 -14.08 -23.87 -7.69
C ASN A 27 -13.65 -25.28 -7.30
N THR A 28 -12.51 -25.70 -7.77
CA THR A 28 -11.92 -27.01 -7.39
C THR A 28 -11.02 -26.85 -6.18
N PRO A 29 -10.70 -27.90 -5.43
CA PRO A 29 -9.97 -27.70 -4.15
C PRO A 29 -8.58 -27.15 -4.38
N ILE A 30 -8.22 -26.12 -3.59
CA ILE A 30 -6.89 -25.49 -3.62
C ILE A 30 -6.35 -25.49 -2.20
N ASP A 31 -5.07 -25.82 -2.08
CA ASP A 31 -4.46 -25.89 -0.76
C ASP A 31 -4.02 -24.52 -0.26
N PRO A 32 -4.40 -24.09 0.94
CA PRO A 32 -3.83 -22.87 1.53
C PRO A 32 -2.36 -23.03 1.88
N ASN A 33 -1.87 -24.26 2.01
CA ASN A 33 -0.42 -24.44 2.18
C ASN A 33 0.22 -24.28 0.78
N LEU A 34 0.69 -23.06 0.55
CA LEU A 34 1.45 -22.63 -0.61
C LEU A 34 0.70 -22.53 -1.94
N GLU A 35 -0.22 -23.44 -2.22
CA GLU A 35 -0.79 -23.43 -3.61
C GLU A 35 -1.58 -22.16 -3.92
N ALA A 36 -2.43 -21.71 -2.98
CA ALA A 36 -3.15 -20.47 -3.23
C ALA A 36 -2.21 -19.29 -3.49
N ALA A 37 -1.21 -19.19 -2.63
CA ALA A 37 -0.26 -18.08 -2.76
C ALA A 37 0.62 -18.26 -4.01
N ALA A 38 0.94 -19.46 -4.41
CA ALA A 38 1.77 -19.65 -5.63
C ALA A 38 1.00 -19.15 -6.87
N ILE A 39 -0.29 -19.54 -6.95
CA ILE A 39 -1.14 -19.09 -8.05
C ILE A 39 -1.17 -17.56 -8.03
N THR A 40 -1.42 -16.98 -6.85
CA THR A 40 -1.50 -15.53 -6.68
C THR A 40 -0.15 -14.85 -7.07
N ARG A 41 0.95 -15.45 -6.66
CA ARG A 41 2.28 -14.91 -6.99
C ARG A 41 2.44 -14.84 -8.50
N ARG A 42 2.08 -15.93 -9.17
N ARG A 42 2.09 -15.90 -9.23
CA ARG A 42 2.16 -16.02 -10.64
CA ARG A 42 2.22 -15.90 -10.70
C ARG A 42 1.29 -14.93 -11.27
C ARG A 42 1.25 -14.91 -11.32
N VAL A 43 0.05 -14.76 -10.75
CA VAL A 43 -0.82 -13.67 -11.19
C VAL A 43 -0.11 -12.31 -11.12
N CYS A 44 0.46 -12.03 -9.95
CA CYS A 44 1.10 -10.76 -9.71
C CYS A 44 2.33 -10.52 -10.61
N GLU A 45 3.07 -11.59 -10.89
CA GLU A 45 4.26 -11.47 -11.75
C GLU A 45 3.89 -11.30 -13.21
N THR A 46 2.64 -11.64 -13.58
CA THR A 46 2.23 -11.61 -14.97
C THR A 46 1.05 -10.67 -15.23
N ASN A 47 0.61 -9.96 -14.22
CA ASN A 47 -0.51 -8.99 -14.31
C ASN A 47 -1.80 -9.69 -14.79
N ASP A 48 -2.02 -10.93 -14.33
CA ASP A 48 -3.22 -11.68 -14.75
C ASP A 48 -4.42 -11.27 -13.88
N LYS A 49 -5.55 -11.90 -14.12
CA LYS A 49 -6.80 -11.72 -13.41
C LYS A 49 -6.64 -12.17 -11.96
N ALA A 50 -7.38 -11.50 -11.07
CA ALA A 50 -7.37 -11.86 -9.65
C ALA A 50 -7.99 -13.23 -9.45
N PRO A 51 -7.36 -14.10 -8.60
CA PRO A 51 -7.95 -15.40 -8.35
C PRO A 51 -8.84 -15.37 -7.14
N LEU A 52 -10.01 -16.00 -7.26
CA LEU A 52 -10.96 -16.20 -6.15
C LEU A 52 -11.03 -17.71 -5.91
N PHE A 53 -10.54 -18.11 -4.77
CA PHE A 53 -10.44 -19.52 -4.35
C PHE A 53 -11.74 -19.83 -3.57
N ASN A 54 -12.71 -20.44 -4.24
CA ASN A 54 -14.00 -20.74 -3.61
C ASN A 54 -14.00 -22.10 -2.89
N ASN A 55 -12.93 -22.86 -3.01
CA ASN A 55 -12.93 -24.22 -2.50
C ASN A 55 -11.57 -24.45 -1.89
N LEU A 56 -11.37 -23.93 -0.70
N LEU A 56 -11.33 -23.85 -0.72
CA LEU A 56 -10.05 -23.86 -0.04
CA LEU A 56 -10.05 -24.01 0.00
C LEU A 56 -9.99 -25.04 0.92
C LEU A 56 -10.10 -25.25 0.82
N ILE A 57 -9.00 -25.93 0.77
CA ILE A 57 -8.85 -27.15 1.59
C ILE A 57 -8.69 -26.70 3.06
N GLY A 58 -9.62 -27.12 3.90
CA GLY A 58 -9.62 -26.73 5.31
C GLY A 58 -10.66 -25.71 5.65
N MET A 59 -11.40 -25.16 4.66
N MET A 59 -11.39 -25.21 4.66
CA MET A 59 -12.53 -24.22 4.92
CA MET A 59 -12.57 -24.39 5.00
C MET A 59 -13.66 -24.98 5.63
C MET A 59 -13.42 -25.18 5.99
N LYS A 60 -14.08 -24.48 6.81
CA LYS A 60 -15.17 -25.14 7.55
C LYS A 60 -16.13 -24.10 8.10
N ASN A 61 -17.42 -24.38 7.98
CA ASN A 61 -18.47 -23.53 8.62
C ASN A 61 -18.29 -22.12 8.15
N GLY A 62 -17.91 -21.97 6.89
CA GLY A 62 -17.91 -20.65 6.28
C GLY A 62 -16.60 -19.95 6.32
N LEU A 63 -15.60 -20.44 7.05
CA LEU A 63 -14.29 -19.77 7.11
C LEU A 63 -13.26 -20.60 6.36
N PHE A 64 -12.74 -20.15 5.23
CA PHE A 64 -13.11 -19.01 4.46
C PHE A 64 -12.63 -19.26 3.01
N ARG A 65 -13.13 -18.48 2.09
CA ARG A 65 -12.63 -18.40 0.72
C ARG A 65 -11.47 -17.39 0.72
N ILE A 66 -10.68 -17.34 -0.35
CA ILE A 66 -9.61 -16.33 -0.46
C ILE A 66 -9.74 -15.61 -1.80
N LEU A 67 -9.55 -14.29 -1.77
CA LEU A 67 -9.31 -13.50 -2.97
C LEU A 67 -7.85 -13.07 -2.99
N GLY A 68 -7.10 -13.50 -3.97
CA GLY A 68 -5.72 -13.02 -4.09
C GLY A 68 -5.60 -11.80 -4.96
N ALA A 69 -4.48 -11.08 -4.85
CA ALA A 69 -4.09 -9.99 -5.77
C ALA A 69 -5.21 -8.92 -5.85
N PRO A 70 -5.81 -8.48 -4.72
CA PRO A 70 -6.90 -7.51 -4.80
C PRO A 70 -6.50 -6.13 -5.33
N GLY A 71 -5.25 -5.74 -5.23
CA GLY A 71 -4.79 -4.41 -5.63
C GLY A 71 -3.64 -4.44 -6.59
N SER A 72 -3.52 -5.54 -7.32
CA SER A 72 -2.45 -5.75 -8.30
C SER A 72 -2.81 -5.20 -9.68
N LEU A 73 -1.90 -5.33 -10.63
CA LEU A 73 -2.07 -4.66 -11.92
C LEU A 73 -2.78 -5.53 -12.95
N ARG A 74 -3.45 -4.90 -13.88
CA ARG A 74 -3.99 -5.54 -15.05
C ARG A 74 -2.98 -5.46 -16.21
N LYS A 75 -3.11 -6.36 -17.18
CA LYS A 75 -2.12 -6.49 -18.24
C LYS A 75 -2.18 -5.29 -19.18
N SER A 76 -3.37 -4.83 -19.46
N SER A 76 -3.38 -4.86 -19.58
CA SER A 76 -3.50 -3.76 -20.48
CA SER A 76 -3.45 -3.78 -20.62
C SER A 76 -2.94 -2.44 -19.94
C SER A 76 -3.06 -2.43 -20.02
N SER A 77 -2.34 -1.65 -20.81
CA SER A 77 -2.02 -0.27 -20.46
C SER A 77 -3.27 0.54 -20.16
N ALA A 78 -4.33 0.36 -20.89
CA ALA A 78 -5.50 1.27 -20.80
C ALA A 78 -6.15 1.16 -19.42
N ASP A 79 -6.22 -0.04 -18.83
CA ASP A 79 -6.84 -0.20 -17.51
C ASP A 79 -5.85 -0.79 -16.52
N ARG A 80 -4.59 -0.46 -16.68
CA ARG A 80 -3.50 -0.97 -15.81
C ARG A 80 -3.85 -0.93 -14.34
N TYR A 81 -4.40 0.20 -13.91
CA TYR A 81 -4.67 0.45 -12.48
C TYR A 81 -6.15 0.24 -12.15
N GLY A 82 -6.86 -0.52 -13.00
CA GLY A 82 -8.28 -0.71 -12.77
C GLY A 82 -8.68 -1.32 -11.47
N ARG A 83 -7.90 -2.23 -10.93
CA ARG A 83 -8.33 -2.78 -9.65
C ARG A 83 -8.22 -1.73 -8.55
N LEU A 84 -7.25 -0.80 -8.62
N LEU A 84 -7.25 -0.80 -8.61
CA LEU A 84 -7.18 0.31 -7.66
CA LEU A 84 -7.19 0.33 -7.64
C LEU A 84 -8.37 1.22 -7.92
C LEU A 84 -8.34 1.28 -7.90
N ALA A 85 -8.66 1.54 -9.17
CA ALA A 85 -9.80 2.40 -9.46
C ALA A 85 -11.10 1.83 -8.88
N ARG A 86 -11.24 0.51 -8.90
CA ARG A 86 -12.45 -0.15 -8.34
C ARG A 86 -12.47 -0.05 -6.82
N HIS A 87 -11.39 0.26 -6.14
CA HIS A 87 -11.45 0.54 -4.71
C HIS A 87 -12.07 1.92 -4.41
N LEU A 88 -12.23 2.76 -5.43
CA LEU A 88 -12.47 4.19 -5.20
C LEU A 88 -13.60 4.78 -6.03
N ALA A 89 -14.35 3.95 -6.73
CA ALA A 89 -15.48 4.43 -7.59
C ALA A 89 -14.97 5.20 -8.79
N LEU A 90 -13.72 5.09 -9.16
CA LEU A 90 -13.15 5.73 -10.34
C LEU A 90 -13.34 4.86 -11.57
N PRO A 91 -13.40 5.46 -12.75
CA PRO A 91 -13.40 4.69 -13.97
C PRO A 91 -12.19 3.76 -14.01
N PRO A 92 -12.30 2.59 -14.64
CA PRO A 92 -11.21 1.61 -14.59
C PRO A 92 -9.96 2.07 -15.40
N THR A 93 -10.16 3.04 -16.30
CA THR A 93 -9.13 3.66 -17.06
C THR A 93 -8.43 4.85 -16.33
N ALA A 94 -8.72 5.02 -15.06
CA ALA A 94 -8.12 6.13 -14.30
C ALA A 94 -6.58 6.03 -14.32
N SER A 95 -5.94 7.18 -14.40
CA SER A 95 -4.48 7.27 -14.32
C SER A 95 -4.06 7.23 -12.86
N MET A 96 -2.76 6.97 -12.68
N MET A 96 -2.77 6.98 -12.62
CA MET A 96 -2.18 7.06 -11.34
CA MET A 96 -2.28 7.02 -11.21
C MET A 96 -2.44 8.44 -10.74
C MET A 96 -2.35 8.46 -10.67
N ARG A 97 -2.18 9.50 -11.47
CA ARG A 97 -2.39 10.85 -10.97
C ARG A 97 -3.80 10.98 -10.42
N GLU A 98 -4.81 10.50 -11.16
CA GLU A 98 -6.23 10.56 -10.74
C GLU A 98 -6.48 9.75 -9.46
N ILE A 99 -5.90 8.57 -9.39
CA ILE A 99 -6.00 7.75 -8.16
C ILE A 99 -5.42 8.45 -6.97
N LEU A 100 -4.22 8.97 -7.14
CA LEU A 100 -3.56 9.62 -5.99
C LEU A 100 -4.24 10.91 -5.61
N ASP A 101 -4.73 11.65 -6.60
CA ASP A 101 -5.50 12.87 -6.28
C ASP A 101 -6.78 12.50 -5.52
N LYS A 102 -7.41 11.40 -5.88
CA LYS A 102 -8.61 10.97 -5.11
C LYS A 102 -8.22 10.67 -3.68
N MET A 103 -7.10 9.94 -3.49
CA MET A 103 -6.63 9.61 -2.12
C MET A 103 -6.20 10.82 -1.30
N LEU A 104 -5.79 11.90 -1.94
CA LEU A 104 -5.39 13.14 -1.28
C LEU A 104 -6.58 14.08 -1.08
N SER A 105 -7.69 13.86 -1.76
CA SER A 105 -8.75 14.86 -1.82
C SER A 105 -9.33 15.22 -0.46
N ALA A 106 -9.40 14.26 0.46
CA ALA A 106 -9.93 14.47 1.78
C ALA A 106 -9.04 15.30 2.68
N SER A 107 -7.81 15.61 2.27
N SER A 107 -7.77 15.46 2.32
CA SER A 107 -6.80 16.27 3.13
CA SER A 107 -6.81 16.18 3.18
C SER A 107 -7.18 17.73 3.47
C SER A 107 -7.39 17.55 3.55
N ASP A 108 -7.94 18.43 2.66
N ASP A 108 -7.94 18.18 2.51
CA ASP A 108 -8.47 19.78 3.02
CA ASP A 108 -8.44 19.59 2.54
C ASP A 108 -10.00 19.75 2.83
C ASP A 108 -9.90 19.75 3.10
N MET A 109 -10.61 18.64 3.32
CA MET A 109 -12.05 18.61 3.51
C MET A 109 -12.34 18.33 4.99
N PRO A 110 -13.48 18.79 5.50
CA PRO A 110 -13.94 18.35 6.79
C PRO A 110 -14.17 16.86 6.81
N PRO A 111 -13.72 16.17 7.89
CA PRO A 111 -14.04 14.75 7.99
C PRO A 111 -15.54 14.54 7.88
N ILE A 112 -15.94 13.36 7.44
CA ILE A 112 -17.32 12.89 7.54
C ILE A 112 -17.29 11.70 8.48
N PRO A 113 -17.65 11.89 9.77
CA PRO A 113 -17.53 10.80 10.73
C PRO A 113 -18.43 9.61 10.36
N PRO A 114 -18.10 8.46 10.84
CA PRO A 114 -18.87 7.28 10.55
C PRO A 114 -20.23 7.28 11.26
N THR A 115 -21.14 6.48 10.71
CA THR A 115 -22.50 6.26 11.22
C THR A 115 -22.55 4.89 11.91
N ILE A 116 -23.09 4.84 13.11
CA ILE A 116 -23.23 3.57 13.84
C ILE A 116 -24.56 3.00 13.44
N VAL A 117 -24.56 1.73 13.05
CA VAL A 117 -25.79 0.98 12.76
C VAL A 117 -25.81 -0.21 13.67
N PRO A 118 -27.00 -0.76 13.94
CA PRO A 118 -27.10 -1.81 14.95
C PRO A 118 -26.58 -3.18 14.52
N THR A 119 -26.53 -3.47 13.21
CA THR A 119 -26.04 -4.78 12.75
C THR A 119 -25.59 -4.67 11.30
N GLY A 120 -24.98 -5.71 10.83
CA GLY A 120 -24.58 -5.80 9.42
C GLY A 120 -24.14 -7.20 9.09
N PRO A 121 -23.79 -7.43 7.83
CA PRO A 121 -23.38 -8.76 7.40
C PRO A 121 -22.28 -9.42 8.22
N CYS A 122 -21.37 -8.61 8.76
CA CYS A 122 -20.26 -9.17 9.54
C CYS A 122 -20.74 -9.85 10.80
N LYS A 123 -22.04 -9.73 11.16
CA LYS A 123 -22.57 -10.38 12.36
C LYS A 123 -23.38 -11.61 11.97
N GLU A 124 -23.32 -12.07 10.72
CA GLU A 124 -24.14 -13.26 10.32
C GLU A 124 -23.70 -14.51 11.07
N ASN A 125 -22.45 -14.61 11.48
CA ASN A 125 -21.94 -15.80 12.17
C ASN A 125 -20.98 -15.32 13.26
N SER A 126 -20.90 -16.07 14.34
CA SER A 126 -19.91 -15.74 15.38
C SER A 126 -19.34 -17.04 15.97
N LEU A 127 -18.14 -16.90 16.50
CA LEU A 127 -17.48 -17.98 17.21
C LEU A 127 -16.84 -17.40 18.47
N ASP A 128 -17.23 -17.91 19.63
CA ASP A 128 -16.63 -17.41 20.86
C ASP A 128 -15.33 -18.17 21.09
N ASP A 129 -14.83 -17.82 22.29
N ASP A 129 -14.52 -17.81 22.10
CA ASP A 129 -13.55 -18.23 22.90
CA ASP A 129 -13.20 -18.48 22.38
C ASP A 129 -13.39 -19.77 23.01
C ASP A 129 -13.32 -20.01 22.49
N SER A 130 -14.47 -20.55 22.92
CA SER A 130 -14.52 -22.03 23.09
C SER A 130 -14.80 -22.69 21.75
N GLU A 131 -15.06 -21.90 20.68
CA GLU A 131 -15.60 -22.43 19.41
C GLU A 131 -14.64 -22.24 18.24
N PHE A 132 -13.60 -21.43 18.32
CA PHE A 132 -12.64 -21.33 17.21
C PHE A 132 -11.25 -21.76 17.67
N ASP A 133 -10.43 -22.09 16.70
CA ASP A 133 -8.98 -22.37 16.90
C ASP A 133 -8.28 -21.85 15.68
N LEU A 134 -7.44 -20.86 15.77
CA LEU A 134 -6.87 -20.23 14.56
C LEU A 134 -5.92 -21.20 13.84
N THR A 135 -5.41 -22.25 14.50
CA THR A 135 -4.61 -23.28 13.83
C THR A 135 -5.45 -24.23 13.01
N GLU A 136 -6.77 -24.20 13.15
CA GLU A 136 -7.69 -25.10 12.45
C GLU A 136 -8.35 -24.38 11.27
N LEU A 137 -8.10 -23.13 11.01
CA LEU A 137 -8.61 -22.41 9.87
C LEU A 137 -7.64 -22.56 8.70
N PRO A 138 -8.12 -22.34 7.46
CA PRO A 138 -7.29 -22.51 6.26
C PRO A 138 -6.41 -21.29 5.99
N VAL A 139 -5.67 -20.91 7.01
CA VAL A 139 -4.75 -19.78 6.92
C VAL A 139 -3.62 -20.11 5.97
N PRO A 140 -3.28 -19.25 5.01
CA PRO A 140 -2.28 -19.60 4.04
C PRO A 140 -0.87 -19.57 4.58
N LEU A 141 -0.07 -20.54 4.10
CA LEU A 141 1.42 -20.38 4.07
C LEU A 141 1.72 -19.71 2.72
N ILE A 142 2.23 -18.48 2.76
CA ILE A 142 2.33 -17.63 1.56
C ILE A 142 3.66 -17.86 0.83
N HIS A 143 4.75 -18.09 1.54
CA HIS A 143 6.06 -18.33 0.97
C HIS A 143 6.65 -19.53 1.72
N LYS A 144 7.38 -20.38 1.02
N LYS A 144 7.36 -20.42 1.05
CA LYS A 144 7.79 -21.69 1.60
CA LYS A 144 7.72 -21.72 1.70
C LYS A 144 8.63 -21.58 2.87
C LYS A 144 8.57 -21.53 2.97
N SER A 145 9.39 -20.49 3.04
CA SER A 145 10.24 -20.27 4.23
C SER A 145 9.60 -19.33 5.23
N ASP A 146 8.34 -18.97 5.09
CA ASP A 146 7.72 -18.09 6.12
C ASP A 146 7.77 -18.75 7.48
N GLY A 147 7.84 -17.93 8.51
CA GLY A 147 7.88 -18.39 9.91
C GLY A 147 6.54 -18.64 10.53
N GLY A 148 5.49 -18.54 9.74
CA GLY A 148 4.13 -18.83 10.21
C GLY A 148 3.16 -18.67 9.08
N LYS A 149 1.90 -18.90 9.40
N LYS A 149 1.91 -19.01 9.39
CA LYS A 149 0.81 -18.77 8.45
CA LYS A 149 0.74 -18.85 8.51
C LYS A 149 0.21 -17.39 8.59
C LYS A 149 0.26 -17.41 8.61
N TYR A 150 0.41 -16.62 7.55
CA TYR A 150 0.09 -15.19 7.57
C TYR A 150 -1.35 -14.95 7.24
N ILE A 151 -2.19 -15.01 8.26
CA ILE A 151 -3.64 -14.74 8.18
C ILE A 151 -3.84 -13.30 7.75
N GLN A 152 -2.94 -12.39 8.12
CA GLN A 152 -3.18 -10.97 7.94
C GLN A 152 -2.20 -10.35 6.99
N THR A 153 -2.65 -10.20 5.74
CA THR A 153 -1.92 -9.49 4.73
C THR A 153 -2.77 -8.39 4.05
N TYR A 154 -4.10 -8.36 4.29
CA TYR A 154 -4.92 -7.34 3.62
C TYR A 154 -6.14 -6.94 4.44
N GLY A 155 -6.10 -7.19 5.74
CA GLY A 155 -7.08 -6.65 6.65
C GLY A 155 -6.58 -5.39 7.31
N MET A 156 -7.49 -4.75 8.06
CA MET A 156 -7.27 -3.50 8.71
C MET A 156 -7.30 -3.69 10.23
N HIS A 157 -6.21 -3.33 10.87
CA HIS A 157 -6.16 -3.25 12.36
C HIS A 157 -6.85 -1.95 12.77
N ILE A 158 -7.62 -2.08 13.83
CA ILE A 158 -8.36 -0.96 14.43
C ILE A 158 -7.92 -0.84 15.89
N VAL A 159 -7.29 0.29 16.22
CA VAL A 159 -6.92 0.59 17.60
C VAL A 159 -7.23 2.06 17.81
N GLN A 160 -7.46 2.42 19.05
CA GLN A 160 -7.86 3.78 19.44
C GLN A 160 -6.96 4.29 20.56
N SER A 161 -6.64 5.57 20.51
CA SER A 161 -5.89 6.20 21.60
C SER A 161 -6.62 6.01 22.93
N PRO A 162 -5.87 5.98 24.05
CA PRO A 162 -6.53 5.84 25.36
C PRO A 162 -7.64 6.86 25.63
N ASP A 163 -7.43 8.08 25.16
CA ASP A 163 -8.38 9.18 25.40
C ASP A 163 -9.58 9.12 24.44
N GLY A 164 -9.58 8.21 23.51
CA GLY A 164 -10.74 8.01 22.64
C GLY A 164 -10.77 8.91 21.40
N THR A 165 -9.84 9.84 21.30
CA THR A 165 -9.90 10.90 20.30
C THR A 165 -9.43 10.51 18.92
N TRP A 166 -8.66 9.46 18.79
CA TRP A 166 -8.10 9.03 17.49
C TRP A 166 -8.27 7.55 17.37
N THR A 167 -8.96 7.17 16.28
CA THR A 167 -9.12 5.75 15.92
C THR A 167 -8.35 5.51 14.64
N ASN A 168 -7.33 4.67 14.69
CA ASN A 168 -6.49 4.44 13.54
C ASN A 168 -6.88 3.12 12.88
N TRP A 169 -6.88 3.18 11.53
CA TRP A 169 -7.02 2.00 10.63
C TRP A 169 -5.73 1.85 9.82
N SER A 170 -5.14 0.66 9.87
CA SER A 170 -3.88 0.46 9.15
C SER A 170 -3.69 -1.02 8.82
N ILE A 171 -2.93 -1.25 7.76
CA ILE A 171 -2.44 -2.60 7.45
C ILE A 171 -1.06 -2.81 8.07
N ALA A 172 -0.93 -3.86 8.83
CA ALA A 172 0.37 -4.39 9.30
C ALA A 172 0.30 -5.91 9.34
N ARG A 173 1.32 -6.61 8.91
CA ARG A 173 1.23 -8.05 8.81
C ARG A 173 1.01 -8.76 10.16
N ALA A 174 0.40 -9.92 10.13
CA ALA A 174 0.34 -10.74 11.34
C ALA A 174 0.13 -12.20 10.93
N MET A 175 0.66 -13.08 11.76
CA MET A 175 0.65 -14.54 11.54
C MET A 175 0.09 -15.22 12.78
N VAL A 176 -0.44 -16.42 12.56
CA VAL A 176 -0.98 -17.23 13.69
C VAL A 176 0.17 -17.71 14.58
N HIS A 177 0.04 -17.45 15.88
CA HIS A 177 0.92 -17.94 16.95
C HIS A 177 0.40 -19.23 17.58
N ASP A 178 -0.86 -19.24 17.95
CA ASP A 178 -1.47 -20.45 18.54
C ASP A 178 -2.98 -20.35 18.33
N LYS A 179 -3.74 -21.18 19.03
CA LYS A 179 -5.20 -21.26 18.80
C LYS A 179 -5.93 -19.95 19.00
N ASN A 180 -5.39 -19.04 19.79
CA ASN A 180 -6.11 -17.79 20.07
C ASN A 180 -5.17 -16.60 20.12
N HIS A 181 -4.00 -16.64 19.46
CA HIS A 181 -3.11 -15.47 19.36
C HIS A 181 -2.50 -15.34 17.99
N LEU A 182 -2.20 -14.11 17.63
CA LEU A 182 -1.39 -13.74 16.49
C LEU A 182 -0.07 -13.12 16.98
N THR A 183 0.95 -13.14 16.14
CA THR A 183 2.06 -12.20 16.32
C THR A 183 2.15 -11.35 15.08
N GLY A 184 2.66 -10.15 15.20
CA GLY A 184 2.75 -9.24 14.03
C GLY A 184 3.76 -8.14 14.23
N LEU A 185 4.00 -7.41 13.14
N LEU A 185 3.93 -7.38 13.18
CA LEU A 185 4.82 -6.19 13.17
CA LEU A 185 4.94 -6.31 13.09
C LEU A 185 4.07 -5.03 13.77
C LEU A 185 4.30 -5.00 13.57
N VAL A 186 4.73 -4.44 14.73
CA VAL A 186 4.26 -3.18 15.32
C VAL A 186 5.51 -2.36 15.55
N ILE A 187 5.89 -1.52 14.61
CA ILE A 187 7.18 -0.85 14.60
C ILE A 187 7.07 0.65 14.40
N PRO A 188 8.01 1.42 14.99
CA PRO A 188 7.98 2.86 14.78
C PRO A 188 8.32 3.20 13.34
N PRO A 189 7.75 4.25 12.72
CA PRO A 189 6.90 5.26 13.35
C PRO A 189 5.40 5.00 13.12
N GLN A 190 5.03 3.74 12.87
CA GLN A 190 3.67 3.45 12.37
C GLN A 190 2.64 3.84 13.43
N HIS A 191 1.47 4.19 12.97
CA HIS A 191 0.42 4.63 13.95
C HIS A 191 -0.01 3.52 14.87
N ILE A 192 -0.03 2.26 14.47
CA ILE A 192 -0.39 1.18 15.37
C ILE A 192 0.64 1.17 16.54
N TRP A 193 1.93 1.42 16.20
CA TRP A 193 2.97 1.51 17.21
C TRP A 193 2.81 2.76 18.06
N GLN A 194 2.52 3.89 17.45
CA GLN A 194 2.34 5.11 18.26
C GLN A 194 1.24 4.93 19.28
N ILE A 195 0.13 4.34 18.87
CA ILE A 195 -1.01 4.14 19.79
C ILE A 195 -0.63 3.07 20.80
N HIS A 196 0.05 2.00 20.42
N HIS A 196 0.04 1.98 20.43
CA HIS A 196 0.47 1.00 21.38
CA HIS A 196 0.55 0.97 21.34
C HIS A 196 1.30 1.67 22.48
C HIS A 196 1.34 1.64 22.47
N GLN A 197 2.20 2.58 22.11
CA GLN A 197 3.07 3.26 23.09
C GLN A 197 2.25 4.07 24.06
N MET A 198 1.16 4.67 23.59
CA MET A 198 0.30 5.44 24.51
C MET A 198 -0.29 4.52 25.57
N TRP A 199 -0.77 3.37 25.19
CA TRP A 199 -1.33 2.40 26.14
C TRP A 199 -0.22 1.88 27.07
N LYS A 200 0.96 1.65 26.54
N LYS A 200 0.96 1.59 26.54
CA LYS A 200 2.02 1.12 27.39
CA LYS A 200 2.08 1.10 27.37
C LYS A 200 2.44 2.16 28.43
C LYS A 200 2.37 2.16 28.45
N LYS A 201 2.47 3.44 28.10
CA LYS A 201 2.82 4.47 29.08
C LYS A 201 1.72 4.58 30.09
N GLU A 202 0.45 4.44 29.72
CA GLU A 202 -0.62 4.44 30.70
C GLU A 202 -0.49 3.24 31.63
N GLY A 203 -0.11 2.08 31.09
CA GLY A 203 0.25 0.90 31.90
C GLY A 203 -0.80 0.09 32.54
N ARG A 204 -2.07 0.39 32.30
CA ARG A 204 -3.23 -0.20 32.99
C ARG A 204 -3.76 -1.43 32.27
N SER A 205 -3.81 -1.42 30.96
N SER A 205 -3.74 -1.41 30.95
CA SER A 205 -4.47 -2.56 30.27
CA SER A 205 -4.63 -2.27 30.10
C SER A 205 -3.88 -2.76 28.89
C SER A 205 -3.89 -2.71 28.83
N ASP A 206 -4.08 -3.96 28.40
CA ASP A 206 -3.78 -4.28 26.98
C ASP A 206 -4.66 -3.39 26.08
N VAL A 207 -4.27 -3.28 24.82
CA VAL A 207 -4.94 -2.35 23.89
C VAL A 207 -6.18 -3.02 23.35
N PRO A 208 -7.42 -2.46 23.52
CA PRO A 208 -8.56 -3.01 22.80
C PRO A 208 -8.27 -2.99 21.30
N TRP A 209 -8.61 -4.06 20.60
CA TRP A 209 -8.19 -4.25 19.21
C TRP A 209 -9.24 -4.98 18.44
N ALA A 210 -9.34 -4.66 17.15
CA ALA A 210 -10.05 -5.51 16.21
C ALA A 210 -9.24 -5.51 14.92
N LEU A 211 -9.42 -6.60 14.17
CA LEU A 211 -8.82 -6.75 12.83
C LEU A 211 -9.95 -7.22 11.92
N ALA A 212 -10.22 -6.37 10.95
CA ALA A 212 -11.31 -6.60 10.01
C ALA A 212 -10.76 -6.88 8.61
N PHE A 213 -11.18 -8.02 8.08
CA PHE A 213 -10.75 -8.45 6.74
C PHE A 213 -11.92 -8.25 5.78
N GLY A 214 -11.58 -7.93 4.53
CA GLY A 214 -12.66 -7.71 3.54
C GLY A 214 -13.45 -6.52 3.92
N VAL A 215 -12.81 -5.40 4.22
CA VAL A 215 -13.43 -4.15 4.56
C VAL A 215 -13.77 -3.40 3.28
N PRO A 216 -14.53 -2.28 3.40
CA PRO A 216 -14.78 -1.44 2.20
C PRO A 216 -13.48 -1.14 1.49
N PRO A 217 -13.41 -1.33 0.20
CA PRO A 217 -12.17 -1.05 -0.49
C PRO A 217 -11.61 0.37 -0.27
N ALA A 218 -12.49 1.35 -0.21
CA ALA A 218 -11.95 2.70 -0.02
C ALA A 218 -11.22 2.77 1.35
N ALA A 219 -11.72 2.07 2.34
CA ALA A 219 -11.10 1.97 3.68
C ALA A 219 -9.76 1.28 3.64
N ILE A 220 -9.61 0.20 2.91
CA ILE A 220 -8.32 -0.48 2.89
C ILE A 220 -7.28 0.38 2.22
N MET A 221 -7.69 1.17 1.20
N MET A 221 -7.70 1.21 1.23
CA MET A 221 -6.74 2.12 0.59
CA MET A 221 -6.72 2.13 0.61
C MET A 221 -6.27 3.12 1.63
C MET A 221 -6.26 3.18 1.61
N ALA A 222 -7.14 3.76 2.40
CA ALA A 222 -6.68 4.67 3.45
C ALA A 222 -5.86 3.97 4.51
N SER A 223 -6.16 2.73 4.80
CA SER A 223 -5.43 1.95 5.77
C SER A 223 -3.96 1.81 5.36
N SER A 224 -3.69 1.85 4.06
N SER A 224 -3.66 1.82 4.05
CA SER A 224 -2.37 1.69 3.47
CA SER A 224 -2.31 1.70 3.51
C SER A 224 -1.63 3.00 3.28
C SER A 224 -1.60 3.02 3.30
N MET A 225 -2.24 4.13 3.61
CA MET A 225 -1.73 5.47 3.32
C MET A 225 -1.29 6.15 4.60
N PRO A 226 -0.14 6.86 4.57
CA PRO A 226 0.31 7.56 5.80
C PRO A 226 -0.35 8.92 5.94
N ILE A 227 -1.67 8.92 6.14
CA ILE A 227 -2.36 10.17 6.48
C ILE A 227 -1.81 10.64 7.83
N PRO A 228 -2.05 11.91 8.20
CA PRO A 228 -1.37 12.47 9.35
C PRO A 228 -1.67 11.82 10.68
N ASP A 229 -0.71 12.00 11.60
CA ASP A 229 -0.87 11.64 13.00
C ASP A 229 -2.18 12.20 13.56
N GLY A 230 -2.88 11.44 14.35
CA GLY A 230 -4.12 11.88 15.02
C GLY A 230 -5.35 11.96 14.15
N VAL A 231 -5.22 11.62 12.87
CA VAL A 231 -6.37 11.69 11.96
C VAL A 231 -7.04 10.32 11.87
N THR A 232 -8.31 10.27 12.20
CA THR A 232 -9.08 9.04 12.17
C THR A 232 -9.41 8.68 10.73
N GLU A 233 -8.88 7.53 10.26
CA GLU A 233 -9.08 7.16 8.86
C GLU A 233 -10.56 7.09 8.51
N ALA A 234 -11.44 6.67 9.40
CA ALA A 234 -12.86 6.51 9.00
C ALA A 234 -13.41 7.82 8.44
N GLY A 235 -13.12 8.93 9.11
CA GLY A 235 -13.67 10.24 8.68
C GLY A 235 -13.00 10.78 7.42
N TYR A 236 -11.75 10.40 7.18
CA TYR A 236 -10.98 10.75 5.96
C TYR A 236 -11.62 9.99 4.79
N VAL A 237 -11.90 8.71 4.97
CA VAL A 237 -12.56 7.90 3.92
C VAL A 237 -13.97 8.46 3.68
N GLY A 238 -14.67 8.85 4.75
CA GLY A 238 -15.98 9.43 4.57
C GLY A 238 -15.90 10.64 3.70
N ALA A 239 -14.96 11.55 3.97
CA ALA A 239 -14.85 12.75 3.14
C ALA A 239 -14.43 12.43 1.73
N MET A 240 -13.50 11.51 1.52
N MET A 240 -13.51 11.49 1.55
CA MET A 240 -13.05 11.13 0.16
CA MET A 240 -13.01 11.07 0.21
C MET A 240 -14.24 10.62 -0.68
C MET A 240 -14.14 10.54 -0.67
N THR A 241 -15.04 9.76 -0.09
CA THR A 241 -16.11 9.06 -0.80
C THR A 241 -17.40 9.86 -0.81
N GLY A 242 -17.45 10.92 -0.02
CA GLY A 242 -18.67 11.74 0.15
C GLY A 242 -19.77 11.06 0.90
N SER A 243 -19.46 10.00 1.61
CA SER A 243 -20.46 9.18 2.36
C SER A 243 -19.92 8.82 3.70
N SER A 244 -20.76 8.89 4.73
CA SER A 244 -20.42 8.37 6.05
C SER A 244 -20.35 6.84 6.03
N LEU A 245 -19.25 6.28 6.49
CA LEU A 245 -19.16 4.82 6.52
C LEU A 245 -20.00 4.24 7.64
N GLU A 246 -20.70 3.14 7.36
CA GLU A 246 -21.54 2.46 8.34
C GLU A 246 -20.70 1.44 9.13
N LEU A 247 -20.67 1.64 10.43
CA LEU A 247 -19.92 0.78 11.35
C LEU A 247 -20.82 0.14 12.37
N VAL A 248 -20.54 -1.11 12.71
N VAL A 248 -20.36 -0.96 12.91
CA VAL A 248 -21.21 -1.83 13.85
CA VAL A 248 -21.12 -1.68 13.95
C VAL A 248 -20.23 -1.95 15.03
C VAL A 248 -20.20 -2.06 15.06
N LYS A 249 -20.73 -1.95 16.27
CA LYS A 249 -19.87 -2.21 17.43
C LYS A 249 -19.43 -3.66 17.45
N CYS A 250 -18.19 -3.89 17.91
CA CYS A 250 -17.70 -5.21 18.28
C CYS A 250 -18.58 -5.73 19.39
N ASP A 251 -18.61 -7.05 19.48
CA ASP A 251 -19.37 -7.72 20.57
C ASP A 251 -18.67 -7.64 21.92
N THR A 252 -17.37 -7.77 21.91
CA THR A 252 -16.60 -7.95 23.15
C THR A 252 -15.80 -6.71 23.52
N ASN A 253 -15.85 -5.66 22.72
CA ASN A 253 -15.24 -4.37 23.09
C ASN A 253 -16.02 -3.25 22.44
N ASP A 254 -15.60 -2.00 22.68
CA ASP A 254 -16.36 -0.83 22.20
C ASP A 254 -15.76 -0.20 20.95
N LEU A 255 -14.94 -0.95 20.22
CA LEU A 255 -14.51 -0.54 18.89
C LEU A 255 -15.60 -0.80 17.86
N TYR A 256 -15.50 -0.13 16.74
CA TYR A 256 -16.47 -0.21 15.65
C TYR A 256 -15.81 -0.67 14.35
N VAL A 257 -16.44 -1.63 13.69
CA VAL A 257 -15.90 -2.24 12.49
C VAL A 257 -16.84 -1.95 11.34
N PRO A 258 -16.35 -1.97 10.10
CA PRO A 258 -17.27 -1.79 8.99
C PRO A 258 -18.38 -2.84 8.98
N ALA A 259 -19.62 -2.39 8.71
CA ALA A 259 -20.76 -3.32 8.83
C ALA A 259 -20.67 -4.48 7.85
N THR A 260 -20.06 -4.30 6.69
CA THR A 260 -19.96 -5.34 5.67
C THR A 260 -18.63 -6.12 5.71
N SER A 261 -17.83 -5.93 6.78
CA SER A 261 -16.58 -6.68 6.91
C SER A 261 -16.85 -8.19 6.69
N GLU A 262 -15.96 -8.83 5.92
CA GLU A 262 -16.10 -10.26 5.67
C GLU A 262 -15.86 -11.08 6.95
N ILE A 263 -14.79 -10.76 7.69
CA ILE A 263 -14.31 -11.50 8.87
C ILE A 263 -13.80 -10.46 9.84
N VAL A 264 -14.16 -10.59 11.12
CA VAL A 264 -13.69 -9.69 12.19
C VAL A 264 -13.10 -10.52 13.31
N LEU A 265 -11.86 -10.18 13.68
CA LEU A 265 -11.30 -10.70 14.95
C LEU A 265 -11.40 -9.58 15.99
N GLU A 266 -11.84 -9.94 17.21
CA GLU A 266 -11.89 -8.97 18.31
C GLU A 266 -10.97 -9.46 19.42
N GLY A 267 -10.23 -8.58 20.03
CA GLY A 267 -9.43 -9.02 21.19
C GLY A 267 -8.54 -7.90 21.68
N THR A 268 -7.31 -8.21 21.99
CA THR A 268 -6.37 -7.24 22.57
C THR A 268 -5.00 -7.35 21.92
N LEU A 269 -4.30 -6.22 21.87
CA LEU A 269 -2.87 -6.16 21.51
C LEU A 269 -2.11 -5.97 22.83
N SER A 270 -1.26 -6.89 23.17
CA SER A 270 -0.60 -6.86 24.48
C SER A 270 0.33 -5.67 24.63
N ILE A 271 0.32 -5.05 25.83
CA ILE A 271 1.34 -4.04 26.17
C ILE A 271 2.54 -4.70 26.81
N SER A 272 2.55 -6.01 27.01
CA SER A 272 3.68 -6.66 27.70
C SER A 272 4.26 -7.86 26.94
N GLU A 273 3.47 -8.61 26.22
CA GLU A 273 3.86 -9.90 25.64
C GLU A 273 4.39 -9.73 24.23
N THR A 274 5.27 -10.65 23.85
CA THR A 274 5.78 -10.78 22.52
C THR A 274 5.82 -12.23 22.15
N GLY A 275 6.03 -12.50 20.88
CA GLY A 275 6.22 -13.87 20.45
C GLY A 275 6.99 -13.89 19.13
N PRO A 276 7.44 -15.07 18.71
CA PRO A 276 8.15 -15.19 17.43
C PRO A 276 7.31 -14.66 16.27
N GLU A 277 7.93 -13.86 15.40
CA GLU A 277 7.22 -13.29 14.22
C GLU A 277 8.19 -13.35 13.08
N GLY A 278 7.71 -13.71 11.89
CA GLY A 278 8.54 -13.82 10.72
C GLY A 278 9.39 -15.08 10.78
N PRO A 279 10.25 -15.24 9.80
CA PRO A 279 10.42 -14.34 8.67
C PRO A 279 9.23 -14.39 7.69
N PHE A 280 9.21 -13.42 6.82
CA PHE A 280 8.13 -13.29 5.86
C PHE A 280 8.68 -12.78 4.53
N GLY A 281 8.23 -13.38 3.45
CA GLY A 281 8.58 -12.87 2.12
C GLY A 281 7.95 -11.51 1.90
N GLU A 282 8.80 -10.48 1.84
N GLU A 282 8.80 -10.49 1.81
N GLU A 282 8.79 -10.50 1.75
CA GLU A 282 8.50 -9.06 2.10
CA GLU A 282 8.43 -9.08 2.03
CA GLU A 282 8.35 -9.12 1.91
C GLU A 282 8.46 -8.30 0.75
C GLU A 282 8.48 -8.29 0.71
C GLU A 282 8.45 -8.29 0.65
N MET A 283 8.03 -7.03 0.82
CA MET A 283 7.73 -6.14 -0.29
C MET A 283 8.95 -5.91 -1.20
N HIS A 284 10.18 -6.03 -0.70
CA HIS A 284 11.34 -5.79 -1.51
C HIS A 284 11.76 -7.00 -2.32
N GLY A 285 11.11 -8.12 -2.08
CA GLY A 285 11.39 -9.35 -2.86
C GLY A 285 12.20 -10.40 -2.20
N TYR A 286 12.31 -10.39 -0.88
CA TYR A 286 13.24 -11.29 -0.16
C TYR A 286 12.58 -11.92 1.03
N ILE A 287 13.11 -13.08 1.40
CA ILE A 287 12.92 -13.65 2.73
C ILE A 287 14.31 -14.11 3.18
N PHE A 288 14.60 -13.96 4.47
CA PHE A 288 15.84 -14.41 5.12
C PHE A 288 15.43 -15.57 6.02
N PRO A 289 15.45 -16.83 5.50
N PRO A 289 15.54 -16.86 5.57
CA PRO A 289 14.90 -17.93 6.26
CA PRO A 289 14.96 -17.98 6.31
C PRO A 289 15.57 -18.06 7.61
C PRO A 289 15.39 -18.14 7.77
N GLY A 290 14.74 -18.42 8.57
N GLY A 290 16.54 -17.57 8.12
CA GLY A 290 15.24 -18.50 9.94
CA GLY A 290 17.17 -17.81 9.42
C GLY A 290 15.48 -17.14 10.64
C GLY A 290 16.75 -16.74 10.43
N ASP A 291 15.76 -15.89 10.06
CA ASP A 291 15.62 -14.71 10.94
C ASP A 291 14.81 -15.17 12.15
N THR A 292 15.13 -14.70 13.35
CA THR A 292 14.39 -15.10 14.58
C THR A 292 13.90 -13.86 15.25
N HIS A 293 12.99 -13.06 14.66
CA HIS A 293 12.62 -11.83 15.41
C HIS A 293 11.48 -12.11 16.38
N LEU A 294 11.26 -11.19 17.31
CA LEU A 294 10.05 -11.15 18.13
C LEU A 294 9.13 -10.06 17.60
N GLY A 295 7.85 -10.28 17.75
CA GLY A 295 6.88 -9.27 17.40
C GLY A 295 5.84 -9.11 18.47
N ALA A 296 4.94 -8.14 18.24
CA ALA A 296 3.81 -7.89 19.10
C ALA A 296 2.90 -9.12 19.10
N LYS A 297 2.16 -9.30 20.20
CA LYS A 297 1.29 -10.44 20.40
C LYS A 297 -0.15 -9.96 20.61
N TYR A 298 -1.06 -10.51 19.83
CA TYR A 298 -2.50 -10.22 19.83
C TYR A 298 -3.26 -11.42 20.36
N LYS A 299 -4.18 -11.17 21.26
CA LYS A 299 -5.11 -12.23 21.71
C LYS A 299 -6.46 -12.04 21.02
N VAL A 300 -6.98 -13.16 20.51
CA VAL A 300 -8.28 -13.15 19.84
C VAL A 300 -9.30 -13.75 20.77
N ASN A 301 -10.38 -12.99 21.05
CA ASN A 301 -11.46 -13.42 21.94
C ASN A 301 -12.69 -13.86 21.17
N ARG A 302 -12.91 -13.34 19.97
CA ARG A 302 -14.13 -13.60 19.22
C ARG A 302 -13.87 -13.43 17.73
N ILE A 303 -14.54 -14.26 16.95
CA ILE A 303 -14.54 -14.08 15.46
C ILE A 303 -15.99 -13.88 15.03
N THR A 304 -16.27 -12.86 14.23
CA THR A 304 -17.58 -12.77 13.58
C THR A 304 -17.35 -12.74 12.07
N TYR A 305 -18.30 -13.17 11.28
CA TYR A 305 -18.05 -13.23 9.82
C TYR A 305 -19.33 -13.35 9.05
N ARG A 306 -19.22 -12.90 7.82
CA ARG A 306 -20.28 -13.07 6.81
C ARG A 306 -20.50 -14.51 6.42
N ASN A 307 -21.72 -14.88 6.08
CA ASN A 307 -21.93 -16.15 5.35
C ASN A 307 -20.99 -16.16 4.14
N ASN A 308 -20.38 -17.30 3.88
CA ASN A 308 -19.50 -17.49 2.70
C ASN A 308 -18.36 -16.44 2.66
N ALA A 309 -17.83 -16.15 3.84
CA ALA A 309 -16.76 -15.14 4.00
C ALA A 309 -15.62 -15.33 3.04
N ILE A 310 -15.10 -14.20 2.61
CA ILE A 310 -13.92 -14.15 1.72
C ILE A 310 -12.81 -13.36 2.43
N MET A 311 -11.65 -14.01 2.56
CA MET A 311 -10.39 -13.43 3.09
C MET A 311 -9.56 -12.89 1.93
N PRO A 312 -9.28 -11.59 1.82
CA PRO A 312 -8.32 -11.09 0.85
C PRO A 312 -6.90 -11.44 1.32
N MET A 313 -6.02 -11.68 0.32
CA MET A 313 -4.63 -12.08 0.56
C MET A 313 -3.72 -11.39 -0.42
N SER A 314 -2.61 -10.85 0.09
CA SER A 314 -1.49 -10.33 -0.73
C SER A 314 -0.36 -11.35 -0.70
N SER A 315 -0.05 -11.92 -1.86
CA SER A 315 1.09 -12.84 -2.01
C SER A 315 2.29 -11.96 -2.42
N CYS A 316 2.90 -11.30 -1.47
CA CYS A 316 3.82 -10.20 -1.78
C CYS A 316 5.23 -10.69 -2.03
N GLY A 317 5.97 -9.81 -2.73
CA GLY A 317 7.36 -10.12 -3.02
C GLY A 317 7.84 -9.29 -4.21
N ARG A 318 8.44 -9.97 -5.18
CA ARG A 318 8.86 -9.31 -6.39
C ARG A 318 7.68 -8.76 -7.17
N LEU A 319 7.95 -7.82 -8.07
CA LEU A 319 6.89 -7.03 -8.75
C LEU A 319 5.86 -7.94 -9.41
N THR A 320 4.58 -7.54 -9.43
CA THR A 320 4.00 -6.35 -8.84
C THR A 320 2.80 -6.75 -8.00
N ASP A 321 2.73 -6.26 -6.78
CA ASP A 321 1.62 -6.56 -5.88
C ASP A 321 1.24 -5.34 -5.07
N GLU A 322 0.35 -5.55 -4.13
CA GLU A 322 -0.20 -4.47 -3.29
C GLU A 322 0.86 -3.72 -2.53
N THR A 323 1.94 -4.38 -2.18
CA THR A 323 3.03 -3.70 -1.45
C THR A 323 3.71 -2.71 -2.33
N HIS A 324 3.56 -2.77 -3.64
CA HIS A 324 4.16 -1.80 -4.57
C HIS A 324 3.11 -0.79 -4.98
N THR A 325 1.97 -1.29 -5.41
CA THR A 325 0.91 -0.43 -5.95
C THR A 325 0.35 0.49 -4.88
N MET A 326 0.20 -0.02 -3.66
CA MET A 326 -0.41 0.72 -2.57
C MET A 326 0.61 1.35 -1.68
N ILE A 327 1.55 0.60 -1.12
CA ILE A 327 2.52 1.20 -0.17
C ILE A 327 3.27 2.30 -0.85
N GLY A 328 3.90 2.00 -2.00
CA GLY A 328 4.72 2.96 -2.68
C GLY A 328 3.95 4.18 -3.14
N SER A 329 2.85 3.93 -3.85
CA SER A 329 2.13 5.06 -4.50
C SER A 329 1.51 5.95 -3.47
N LEU A 330 0.94 5.34 -2.42
CA LEU A 330 0.24 6.15 -1.41
C LEU A 330 1.23 6.95 -0.57
N ALA A 331 2.42 6.38 -0.29
CA ALA A 331 3.48 7.17 0.37
C ALA A 331 3.88 8.32 -0.53
N ALA A 332 4.07 8.06 -1.82
CA ALA A 332 4.44 9.11 -2.76
C ALA A 332 3.39 10.23 -2.76
N ALA A 333 2.11 9.86 -2.74
CA ALA A 333 1.05 10.89 -2.73
C ALA A 333 1.21 11.80 -1.50
N GLU A 334 1.34 11.16 -0.34
CA GLU A 334 1.50 11.90 0.90
C GLU A 334 2.75 12.83 0.86
N ILE A 335 3.83 12.32 0.31
CA ILE A 335 5.08 13.07 0.18
C ILE A 335 4.83 14.29 -0.72
N ARG A 336 4.09 14.11 -1.82
CA ARG A 336 3.80 15.25 -2.71
C ARG A 336 3.12 16.35 -1.90
N LYS A 337 2.08 15.98 -1.18
CA LYS A 337 1.36 16.99 -0.37
C LYS A 337 2.27 17.62 0.69
N LEU A 338 3.03 16.80 1.41
CA LEU A 338 3.96 17.29 2.42
C LEU A 338 4.91 18.34 1.82
N CYS A 339 5.45 18.06 0.65
CA CYS A 339 6.36 18.99 0.04
C CYS A 339 5.66 20.30 -0.26
N GLN A 340 4.46 20.21 -0.83
CA GLN A 340 3.69 21.43 -1.16
C GLN A 340 3.29 22.23 0.08
N GLN A 341 3.04 21.54 1.20
CA GLN A 341 2.70 22.24 2.43
C GLN A 341 3.92 22.93 3.02
N ASN A 342 5.10 22.50 2.67
CA ASN A 342 6.38 23.10 3.09
C ASN A 342 6.89 24.08 2.06
N ASP A 343 6.05 24.54 1.13
CA ASP A 343 6.37 25.59 0.14
C ASP A 343 7.44 25.09 -0.84
N LEU A 344 7.54 23.78 -1.08
CA LEU A 344 8.46 23.25 -2.09
C LEU A 344 7.69 23.10 -3.39
N PRO A 345 8.28 23.42 -4.53
CA PRO A 345 7.55 23.48 -5.83
C PRO A 345 7.42 22.12 -6.50
N ILE A 346 6.83 21.17 -5.80
CA ILE A 346 6.66 19.82 -6.30
C ILE A 346 5.25 19.69 -6.86
N THR A 347 5.15 19.20 -8.07
CA THR A 347 3.84 18.98 -8.71
C THR A 347 3.34 17.54 -8.61
N ASP A 348 4.22 16.58 -8.61
CA ASP A 348 3.86 15.14 -8.72
C ASP A 348 4.91 14.34 -8.01
N ALA A 349 4.50 13.19 -7.55
CA ALA A 349 5.43 12.27 -6.95
C ALA A 349 4.96 10.84 -7.21
N PHE A 350 5.90 9.92 -7.43
CA PHE A 350 5.57 8.52 -7.63
C PHE A 350 6.77 7.70 -7.20
N ALA A 351 6.52 6.50 -6.70
CA ALA A 351 7.59 5.56 -6.31
C ALA A 351 7.77 4.58 -7.48
N PRO A 352 8.83 4.72 -8.28
CA PRO A 352 8.95 3.85 -9.45
C PRO A 352 8.95 2.38 -9.04
N PHE A 353 8.19 1.57 -9.78
CA PHE A 353 8.24 0.13 -9.52
C PHE A 353 9.62 -0.40 -9.72
N GLU A 354 10.36 0.06 -10.70
CA GLU A 354 11.71 -0.42 -10.99
C GLU A 354 12.66 -0.31 -9.77
N SER A 355 12.40 0.70 -8.93
CA SER A 355 13.17 0.91 -7.68
C SER A 355 12.73 0.00 -6.56
N GLN A 356 11.79 -0.90 -6.82
CA GLN A 356 11.18 -1.75 -5.76
C GLN A 356 10.55 -0.81 -4.72
N VAL A 357 9.94 0.28 -5.24
CA VAL A 357 9.28 1.37 -4.47
C VAL A 357 10.15 1.90 -3.32
N THR A 358 11.47 1.89 -3.49
CA THR A 358 12.39 2.48 -2.53
C THR A 358 12.81 3.89 -2.93
N TRP A 359 12.48 4.30 -4.16
CA TRP A 359 12.73 5.66 -4.58
C TRP A 359 11.37 6.37 -4.69
N VAL A 360 11.38 7.68 -4.53
CA VAL A 360 10.29 8.51 -5.01
C VAL A 360 10.86 9.60 -5.92
N ALA A 361 10.29 9.70 -7.13
CA ALA A 361 10.62 10.77 -8.05
C ALA A 361 9.69 11.93 -7.80
N LEU A 362 10.27 13.11 -7.68
CA LEU A 362 9.53 14.37 -7.39
C LEU A 362 9.70 15.29 -8.57
N ARG A 363 8.57 15.54 -9.25
CA ARG A 363 8.55 16.47 -10.38
C ARG A 363 8.46 17.91 -9.89
N VAL A 364 9.40 18.72 -10.34
CA VAL A 364 9.55 20.12 -9.89
C VAL A 364 8.99 21.07 -10.91
N ASP A 365 8.23 22.03 -10.40
CA ASP A 365 7.78 23.16 -11.22
C ASP A 365 8.99 24.09 -11.30
N THR A 366 9.68 24.05 -12.40
CA THR A 366 10.98 24.72 -12.47
C THR A 366 10.81 26.23 -12.64
N GLU A 367 9.70 26.73 -13.15
CA GLU A 367 9.44 28.19 -13.11
C GLU A 367 9.50 28.66 -11.65
N LYS A 368 8.80 27.94 -10.78
CA LYS A 368 8.82 28.32 -9.35
C LYS A 368 10.22 28.13 -8.78
N LEU A 369 10.88 27.04 -9.18
CA LEU A 369 12.28 26.84 -8.66
C LEU A 369 13.13 28.06 -9.04
N ARG A 370 13.07 28.49 -10.28
CA ARG A 370 13.90 29.61 -10.74
C ARG A 370 13.68 30.85 -9.88
N ALA A 371 12.43 31.08 -9.47
CA ALA A 371 12.13 32.29 -8.70
C ALA A 371 12.72 32.18 -7.28
N MET A 372 13.01 31.00 -6.83
CA MET A 372 13.61 30.76 -5.50
C MET A 372 15.07 31.19 -5.51
N LYS A 373 15.75 31.25 -6.65
CA LYS A 373 17.14 31.70 -6.76
C LYS A 373 18.01 30.92 -5.77
N THR A 374 17.97 29.57 -5.91
CA THR A 374 18.65 28.66 -5.02
C THR A 374 19.63 27.79 -5.83
N THR A 375 20.23 26.85 -5.17
CA THR A 375 21.21 25.97 -5.77
C THR A 375 20.83 24.54 -5.49
N SER A 376 21.46 23.60 -6.21
CA SER A 376 21.20 22.16 -5.98
C SER A 376 21.46 21.79 -4.54
N GLU A 377 22.63 22.15 -3.99
N GLU A 377 22.61 22.18 -3.98
CA GLU A 377 22.96 21.69 -2.62
CA GLU A 377 22.91 21.58 -2.66
C GLU A 377 21.89 22.19 -1.67
C GLU A 377 22.00 22.20 -1.62
N GLY A 378 21.57 23.46 -1.77
CA GLY A 378 20.59 23.96 -0.83
C GLY A 378 19.22 23.36 -1.00
N PHE A 379 18.76 23.20 -2.23
CA PHE A 379 17.41 22.68 -2.46
C PHE A 379 17.35 21.20 -2.07
N ARG A 380 18.40 20.40 -2.43
CA ARG A 380 18.41 18.98 -2.00
C ARG A 380 18.30 18.84 -0.56
N LYS A 381 19.04 19.66 0.20
CA LYS A 381 19.03 19.53 1.66
C LYS A 381 17.65 19.88 2.20
N ARG A 382 17.03 20.92 1.64
CA ARG A 382 15.67 21.29 2.09
C ARG A 382 14.63 20.20 1.85
N VAL A 383 14.68 19.62 0.67
CA VAL A 383 13.70 18.59 0.30
C VAL A 383 13.96 17.39 1.20
N GLY A 384 15.21 16.94 1.33
CA GLY A 384 15.51 15.78 2.18
C GLY A 384 15.13 15.99 3.63
N ASP A 385 15.40 17.18 4.16
CA ASP A 385 15.04 17.44 5.55
C ASP A 385 13.52 17.32 5.73
N VAL A 386 12.74 17.91 4.84
CA VAL A 386 11.28 17.81 4.95
C VAL A 386 10.86 16.35 4.90
N VAL A 387 11.28 15.62 3.88
CA VAL A 387 10.69 14.30 3.64
C VAL A 387 11.26 13.24 4.59
N PHE A 388 12.58 13.23 4.77
CA PHE A 388 13.17 12.13 5.53
C PHE A 388 13.01 12.32 7.04
N ASN A 389 12.65 13.50 7.49
CA ASN A 389 12.33 13.70 8.94
C ASN A 389 10.85 13.43 9.20
N HIS A 390 10.05 13.07 8.23
CA HIS A 390 8.60 12.87 8.41
C HIS A 390 8.27 11.38 8.22
N LYS A 391 7.22 10.97 8.87
CA LYS A 391 6.74 9.61 8.74
C LYS A 391 6.40 9.23 7.29
N ALA A 392 5.90 10.13 6.49
CA ALA A 392 5.53 9.78 5.12
C ALA A 392 6.76 9.36 4.32
N GLY A 393 7.94 9.83 4.69
CA GLY A 393 9.20 9.45 4.06
C GLY A 393 9.81 8.16 4.55
N TYR A 394 9.20 7.46 5.53
CA TYR A 394 9.83 6.32 6.21
C TYR A 394 10.33 5.30 5.22
N THR A 395 9.48 4.81 4.35
CA THR A 395 9.82 3.68 3.49
C THR A 395 10.76 4.03 2.35
N ILE A 396 11.00 5.33 2.13
CA ILE A 396 11.67 5.80 0.92
C ILE A 396 13.11 6.19 1.24
N HIS A 397 14.02 5.59 0.51
CA HIS A 397 15.46 5.80 0.77
C HIS A 397 16.12 6.70 -0.28
N ARG A 398 15.54 6.92 -1.46
CA ARG A 398 16.18 7.79 -2.44
C ARG A 398 15.08 8.68 -3.00
N LEU A 399 15.27 9.97 -2.96
CA LEU A 399 14.40 10.94 -3.67
C LEU A 399 15.12 11.39 -4.90
N VAL A 400 14.44 11.40 -6.03
CA VAL A 400 15.01 11.86 -7.29
C VAL A 400 14.30 13.11 -7.74
N LEU A 401 14.98 14.23 -7.80
CA LEU A 401 14.36 15.47 -8.24
C LEU A 401 14.49 15.59 -9.75
N VAL A 402 13.37 15.81 -10.43
CA VAL A 402 13.34 15.94 -11.90
C VAL A 402 12.55 17.13 -12.31
N GLY A 403 12.90 17.71 -13.44
CA GLY A 403 12.20 18.83 -14.03
C GLY A 403 10.91 18.43 -14.74
N ASP A 404 10.32 19.49 -15.24
CA ASP A 404 8.95 19.44 -15.75
C ASP A 404 8.76 18.59 -16.98
N ASP A 405 9.81 18.26 -17.71
CA ASP A 405 9.70 17.40 -18.87
C ASP A 405 9.45 15.92 -18.50
N ILE A 406 9.73 15.52 -17.30
CA ILE A 406 9.68 14.10 -16.90
C ILE A 406 8.32 13.79 -16.30
N ASP A 407 7.71 12.71 -16.83
CA ASP A 407 6.49 12.09 -16.28
C ASP A 407 6.93 11.11 -15.20
N VAL A 408 6.79 11.47 -13.94
CA VAL A 408 7.28 10.59 -12.88
C VAL A 408 6.52 9.29 -12.76
N TYR A 409 5.35 9.18 -13.41
CA TYR A 409 4.58 7.94 -13.37
C TYR A 409 5.11 6.97 -14.41
N GLU A 410 6.11 7.40 -15.20
CA GLU A 410 6.73 6.52 -16.20
C GLU A 410 8.13 6.18 -15.80
N GLY A 411 8.32 5.00 -15.31
CA GLY A 411 9.63 4.62 -14.76
C GLY A 411 10.74 4.68 -15.75
N LYS A 412 10.49 4.43 -17.03
N LYS A 412 10.52 4.45 -17.03
CA LYS A 412 11.57 4.55 -18.03
CA LYS A 412 11.65 4.55 -17.98
C LYS A 412 12.11 5.97 -18.03
C LYS A 412 12.12 5.99 -18.10
N ASP A 413 11.23 6.96 -17.92
CA ASP A 413 11.63 8.37 -18.00
C ASP A 413 12.36 8.79 -16.73
N VAL A 414 11.93 8.29 -15.57
CA VAL A 414 12.64 8.54 -14.32
C VAL A 414 14.04 7.98 -14.40
N LEU A 415 14.18 6.77 -14.92
N LEU A 415 14.20 6.75 -14.89
CA LEU A 415 15.49 6.14 -14.98
CA LEU A 415 15.53 6.16 -14.95
C LEU A 415 16.41 6.89 -15.95
C LEU A 415 16.42 6.90 -15.96
N TRP A 416 15.85 7.32 -17.07
CA TRP A 416 16.56 8.14 -18.04
C TRP A 416 17.11 9.39 -17.35
N ALA A 417 16.25 10.15 -16.70
CA ALA A 417 16.65 11.39 -16.06
C ALA A 417 17.71 11.16 -14.98
N PHE A 418 17.47 10.18 -14.14
CA PHE A 418 18.41 9.87 -13.05
C PHE A 418 19.78 9.57 -13.62
N SER A 419 19.79 8.71 -14.64
N SER A 419 19.83 8.67 -14.62
CA SER A 419 21.06 8.19 -15.16
CA SER A 419 21.11 8.18 -15.11
C SER A 419 21.86 9.22 -15.94
C SER A 419 21.85 9.21 -15.97
N THR A 420 21.19 10.26 -16.45
CA THR A 420 21.82 11.24 -17.35
C THR A 420 21.97 12.63 -16.77
N ARG A 421 21.23 12.95 -15.69
CA ARG A 421 21.20 14.33 -15.18
C ARG A 421 21.75 14.45 -13.79
N CYS A 422 21.94 13.36 -13.04
CA CYS A 422 22.43 13.38 -11.65
C CYS A 422 23.86 12.82 -11.57
N ARG A 423 24.82 13.69 -11.39
CA ARG A 423 26.22 13.28 -11.24
C ARG A 423 26.40 12.56 -9.93
N PRO A 424 26.81 11.30 -9.91
CA PRO A 424 26.99 10.59 -8.64
C PRO A 424 27.90 11.39 -7.70
N GLY A 425 27.52 11.44 -6.43
CA GLY A 425 28.27 12.15 -5.38
C GLY A 425 27.98 13.62 -5.41
N MET A 426 28.48 14.36 -6.40
CA MET A 426 28.36 15.79 -6.42
C MET A 426 26.93 16.32 -6.41
N ASP A 427 26.05 15.62 -7.10
CA ASP A 427 24.66 16.05 -7.23
C ASP A 427 23.75 15.36 -6.24
N GLU A 428 24.32 14.78 -5.17
CA GLU A 428 23.54 14.03 -4.20
C GLU A 428 23.89 14.51 -2.82
N THR A 429 22.94 14.39 -1.91
CA THR A 429 23.20 14.60 -0.46
C THR A 429 22.76 13.36 0.28
N LEU A 430 23.67 12.79 1.06
CA LEU A 430 23.39 11.66 1.93
C LEU A 430 22.84 12.12 3.28
N PHE A 431 21.94 11.33 3.81
CA PHE A 431 21.31 11.58 5.12
C PHE A 431 21.52 10.37 5.98
N GLU A 432 22.42 10.48 6.94
CA GLU A 432 22.72 9.36 7.82
C GLU A 432 21.99 9.46 9.16
N ASP A 433 21.44 10.61 9.50
CA ASP A 433 20.84 10.83 10.81
C ASP A 433 19.33 11.00 10.71
N VAL A 434 18.73 10.11 9.96
CA VAL A 434 17.27 10.00 9.75
C VAL A 434 16.90 8.55 10.00
N ARG A 435 15.61 8.34 10.31
CA ARG A 435 15.13 6.97 10.48
C ARG A 435 15.21 6.25 9.12
N GLY A 436 15.74 5.03 9.18
CA GLY A 436 15.82 4.13 8.04
C GLY A 436 14.76 3.05 8.11
N PHE A 437 14.52 2.42 6.95
CA PHE A 437 13.49 1.36 6.85
C PHE A 437 14.17 0.02 6.86
N PRO A 438 14.09 -0.74 7.99
CA PRO A 438 14.94 -1.92 8.14
C PRO A 438 14.57 -3.07 7.21
N LEU A 439 13.35 -3.07 6.65
N LEU A 439 13.34 -3.06 6.71
CA LEU A 439 12.87 -4.14 5.77
CA LEU A 439 12.85 -4.11 5.80
C LEU A 439 13.69 -4.16 4.46
C LEU A 439 13.71 -4.16 4.50
N ILE A 440 14.26 -3.02 4.06
CA ILE A 440 15.09 -3.05 2.84
C ILE A 440 16.32 -3.86 3.18
N PRO A 441 16.69 -4.88 2.36
CA PRO A 441 17.80 -5.76 2.70
C PRO A 441 19.06 -5.04 3.05
N TYR A 442 19.42 -4.00 2.28
CA TYR A 442 20.70 -3.30 2.56
C TYR A 442 20.64 -2.54 3.91
N MET A 443 19.50 -2.42 4.55
CA MET A 443 19.34 -1.84 5.89
C MET A 443 19.42 -2.95 6.89
N GLY A 444 18.32 -3.70 7.09
CA GLY A 444 18.25 -4.64 8.20
C GLY A 444 19.18 -5.84 8.07
N HIS A 445 19.60 -6.18 6.83
CA HIS A 445 20.55 -7.28 6.60
C HIS A 445 21.85 -6.78 5.95
N GLY A 446 22.13 -5.50 6.12
CA GLY A 446 23.26 -4.84 5.46
C GLY A 446 24.46 -4.58 6.32
N ASN A 447 25.27 -3.66 5.88
CA ASN A 447 26.58 -3.33 6.46
C ASN A 447 26.53 -2.27 7.53
N GLY A 448 25.41 -1.61 7.70
CA GLY A 448 25.31 -0.46 8.61
C GLY A 448 24.15 -0.62 9.58
N PRO A 449 23.86 0.46 10.34
CA PRO A 449 22.74 0.46 11.28
C PRO A 449 21.43 0.12 10.57
N ALA A 450 20.67 -0.81 11.17
CA ALA A 450 19.44 -1.29 10.51
C ALA A 450 18.39 -0.16 10.47
N HIS A 451 18.42 0.73 11.47
CA HIS A 451 17.32 1.69 11.68
C HIS A 451 17.68 3.15 11.38
N ARG A 452 18.89 3.43 10.92
CA ARG A 452 19.33 4.80 10.80
C ARG A 452 20.08 4.97 9.50
N GLY A 453 19.80 6.06 8.83
CA GLY A 453 20.58 6.50 7.67
C GLY A 453 20.30 5.71 6.39
N GLY A 454 21.25 5.77 5.49
CA GLY A 454 21.11 5.09 4.19
C GLY A 454 20.16 5.78 3.24
N LYS A 455 19.95 7.09 3.42
CA LYS A 455 19.05 7.83 2.58
C LYS A 455 19.79 8.86 1.76
N VAL A 456 19.21 9.24 0.64
CA VAL A 456 19.88 10.14 -0.30
C VAL A 456 18.88 10.97 -1.07
N VAL A 457 19.20 12.24 -1.36
CA VAL A 457 18.51 13.03 -2.36
C VAL A 457 19.43 13.14 -3.56
N SER A 458 18.93 12.67 -4.69
CA SER A 458 19.62 12.68 -5.97
C SER A 458 19.01 13.74 -6.87
N ASP A 459 19.77 14.79 -7.16
CA ASP A 459 19.23 15.90 -7.94
C ASP A 459 19.49 15.67 -9.44
N ALA A 460 18.40 15.33 -10.15
CA ALA A 460 18.38 15.17 -11.61
C ALA A 460 17.85 16.42 -12.28
N LEU A 461 17.82 17.56 -11.61
CA LEU A 461 17.69 18.85 -12.26
C LEU A 461 19.03 19.28 -12.84
N MET A 462 18.96 19.78 -14.06
CA MET A 462 20.18 20.28 -14.72
C MET A 462 20.42 21.73 -14.29
N PRO A 463 21.71 22.21 -14.44
CA PRO A 463 22.05 23.52 -13.84
C PRO A 463 21.16 24.67 -14.27
N THR A 464 20.82 24.76 -15.53
CA THR A 464 20.05 25.92 -15.98
C THR A 464 18.62 25.84 -15.51
N GLU A 465 18.16 24.68 -15.04
CA GLU A 465 16.82 24.63 -14.47
C GLU A 465 16.65 25.50 -13.24
N TYR A 466 17.76 25.82 -12.57
CA TYR A 466 17.80 26.69 -11.39
C TYR A 466 17.88 28.17 -11.76
N THR A 467 18.25 28.48 -13.00
CA THR A 467 18.64 29.84 -13.41
C THR A 467 17.73 30.35 -14.52
N THR A 468 18.00 30.00 -15.74
CA THR A 468 17.37 30.63 -16.91
C THR A 468 16.40 29.69 -17.67
N GLY A 469 16.45 28.41 -17.42
CA GLY A 469 15.50 27.47 -18.04
C GLY A 469 16.22 26.33 -18.73
N ARG A 470 15.48 25.26 -19.04
CA ARG A 470 16.00 24.10 -19.81
C ARG A 470 16.77 24.59 -21.04
N ASN A 471 17.93 24.02 -21.28
CA ASN A 471 18.84 24.41 -22.37
C ASN A 471 19.14 23.29 -23.34
N TRP A 472 18.32 22.26 -23.33
CA TRP A 472 18.41 21.11 -24.24
C TRP A 472 17.08 20.87 -24.90
N GLU A 473 17.17 20.04 -25.96
CA GLU A 473 16.06 19.31 -26.55
C GLU A 473 16.37 17.85 -26.45
N ALA A 474 15.38 16.98 -26.27
CA ALA A 474 15.65 15.54 -26.29
C ALA A 474 15.98 15.14 -27.71
N ALA A 475 16.90 14.20 -27.87
CA ALA A 475 17.18 13.48 -29.12
C ALA A 475 16.20 12.31 -29.24
N ASP A 476 14.93 12.67 -29.40
CA ASP A 476 13.89 11.67 -29.53
C ASP A 476 12.96 12.10 -30.70
N PHE A 477 12.05 11.21 -31.08
CA PHE A 477 11.15 11.51 -32.16
C PHE A 477 10.32 12.74 -31.83
N ASN A 478 9.85 12.81 -30.58
CA ASN A 478 8.94 13.92 -30.19
C ASN A 478 9.62 15.32 -30.32
N GLN A 479 10.87 15.43 -29.90
CA GLN A 479 11.48 16.73 -29.74
C GLN A 479 12.49 17.13 -30.80
N SER A 480 12.94 16.16 -31.58
N SER A 480 12.96 16.14 -31.61
CA SER A 480 14.04 16.54 -32.48
CA SER A 480 14.05 16.32 -32.61
C SER A 480 13.55 16.63 -33.92
C SER A 480 13.53 16.80 -33.96
N TYR A 481 12.23 16.68 -34.16
CA TYR A 481 11.63 16.83 -35.49
C TYR A 481 10.46 17.78 -35.37
N PRO A 482 10.19 18.59 -36.39
CA PRO A 482 9.05 19.47 -36.35
C PRO A 482 7.73 18.73 -36.43
N GLU A 483 6.67 19.43 -35.97
CA GLU A 483 5.34 18.83 -35.92
C GLU A 483 4.87 18.31 -37.24
N ASP A 484 5.05 19.12 -38.26
N ASP A 484 4.98 19.11 -38.29
CA ASP A 484 4.46 18.73 -39.58
CA ASP A 484 4.44 18.69 -39.61
C ASP A 484 5.17 17.49 -40.16
C ASP A 484 5.13 17.36 -40.03
N LEU A 485 6.44 17.29 -39.85
CA LEU A 485 7.19 16.09 -40.24
C LEU A 485 6.73 14.90 -39.44
N LYS A 486 6.63 15.08 -38.13
CA LYS A 486 6.22 13.96 -37.28
C LYS A 486 4.89 13.42 -37.82
N GLN A 487 3.95 14.33 -38.09
CA GLN A 487 2.60 13.91 -38.47
C GLN A 487 2.62 13.19 -39.81
N LYS A 488 3.47 13.66 -40.71
CA LYS A 488 3.65 13.01 -42.03
C LYS A 488 4.16 11.57 -41.85
N VAL A 489 5.18 11.43 -41.01
CA VAL A 489 5.73 10.12 -40.74
C VAL A 489 4.66 9.21 -40.15
N LEU A 490 3.92 9.68 -39.16
CA LEU A 490 2.89 8.80 -38.59
C LEU A 490 1.81 8.47 -39.62
N ASP A 491 1.42 9.44 -40.40
CA ASP A 491 0.32 9.24 -41.38
C ASP A 491 0.74 8.23 -42.44
N ASN A 492 2.04 8.15 -42.75
CA ASN A 492 2.49 7.28 -43.87
C ASN A 492 3.12 5.98 -43.35
N TRP A 493 3.10 5.75 -42.03
CA TRP A 493 3.87 4.66 -41.37
C TRP A 493 3.41 3.34 -41.96
N THR A 494 2.11 3.02 -41.95
CA THR A 494 1.72 1.65 -42.42
C THR A 494 1.91 1.58 -43.98
N LYS A 495 1.63 2.69 -44.74
CA LYS A 495 1.70 2.76 -46.24
C LYS A 495 3.11 2.39 -46.65
N MET A 496 4.07 2.85 -45.83
CA MET A 496 5.51 2.66 -46.20
C MET A 496 5.97 1.22 -45.95
N GLY A 497 5.27 0.53 -44.98
CA GLY A 497 5.48 -0.86 -44.53
C GLY A 497 5.81 -1.18 -43.07
N PHE A 498 5.70 -0.27 -42.14
CA PHE A 498 6.07 -0.47 -40.71
C PHE A 498 4.82 -0.95 -39.93
N SER A 499 4.93 -1.27 -38.61
CA SER A 499 3.83 -1.92 -37.80
C SER A 499 3.13 -0.90 -36.89
N HIS A 503 -3.27 -1.67 -30.81
CA HIS A 503 -4.46 -0.80 -30.57
C HIS A 503 -4.46 -0.36 -29.10
N HIS A 504 -4.95 0.84 -28.79
CA HIS A 504 -4.94 1.39 -27.41
C HIS A 504 -5.46 0.38 -26.37
N HIS A 505 -6.63 -0.25 -26.63
CA HIS A 505 -7.34 -1.09 -25.62
C HIS A 505 -6.99 -2.60 -25.68
N HIS A 506 -5.96 -3.02 -26.45
CA HIS A 506 -5.49 -4.43 -26.59
MN MN B . -3.07 6.51 10.54
K K C . -3.43 4.54 7.46
K K D . 22.01 17.50 -11.49
C1 BYN E . 3.63 -1.98 8.67
N1 BYN E . 3.82 -3.34 8.83
C2 BYN E . 3.52 -4.29 7.84
C3 BYN E . 3.03 -3.78 6.65
C4 BYN E . 2.79 -2.38 6.60
N2 BYN E . 3.09 -1.51 7.53
N3 BYN E . 2.68 -4.59 5.54
C5 BYN E . 1.80 -4.09 4.55
C6 BYN E . 1.56 -2.79 4.56
N4 BYN E . 2.17 -1.89 5.45
C7 BYN E . 1.26 -5.03 3.63
C8 BYN E . 0.44 -4.55 2.63
C9 BYN E . 0.17 -3.14 2.56
C10 BYN E . 0.68 -2.29 3.56
C11 BYN E . 3.36 -5.76 5.32
C12 BYN E . 3.09 -6.57 4.19
C13 BYN E . 1.63 -6.51 3.88
O1 BYN E . 3.84 -1.26 9.65
C14 BYN E . -0.66 -2.55 1.44
C15 BYN E . -0.26 -5.42 1.58
O2 BYN E . 4.81 -5.70 5.56
C16 BYN E . 1.39 -7.51 2.73
C17 BYN E . 0.75 -6.99 5.05
C18 BYN E . 2.22 -0.45 5.21
O3 BYN E . 3.67 -5.47 8.13
C19 BYN E . 1.29 0.39 6.03
C20 BYN E . 1.39 1.88 5.69
C21 BYN E . 0.34 2.74 6.38
C22 BYN E . 0.24 2.43 7.86
O4 BYN E . -0.06 -0.05 5.82
O5 BYN E . 2.72 2.28 6.07
O6 BYN E . 0.68 4.09 6.19
O7 BYN E . -0.92 3.21 8.38
P1 BYN E . -0.68 4.38 9.46
O8 BYN E . -2.09 4.64 9.97
O9 BYN E . 0.30 3.91 10.47
O10 BYN E . -0.15 5.56 8.63
C10 ICB F . 6.59 -6.30 4.59
C01 ICB F . 6.37 -1.04 7.59
C02 ICB F . 6.05 -0.52 6.29
C03 ICB F . 6.00 -1.34 5.20
C04 ICB F . 6.23 -2.70 5.37
C05 ICB F . 6.57 -3.21 6.71
C06 ICB F . 6.60 -2.39 7.80
C07 ICB F . 6.77 -4.65 6.48
C08 ICB F . 6.60 -4.91 5.17
N09 ICB F . 6.26 -3.72 4.51
O11 ICB F . 6.70 -6.34 3.29
O12 ICB F . 6.34 -7.30 5.25
C10 ICB G . 17.66 -4.95 13.98
C01 ICB G . 13.41 -6.14 9.72
C02 ICB G . 14.53 -6.68 9.01
C03 ICB G . 15.82 -6.72 9.55
C04 ICB G . 16.00 -6.12 10.82
C05 ICB G . 14.87 -5.54 11.58
C06 ICB G . 13.55 -5.59 10.99
C07 ICB G . 15.33 -5.11 12.79
C08 ICB G . 16.80 -5.31 12.82
N09 ICB G . 17.17 -5.98 11.59
O11 ICB G . 17.14 -4.44 14.95
O12 ICB G . 19.03 -5.18 13.98
#